data_7HSC
#
_entry.id   7HSC
#
_cell.length_a   1.000
_cell.length_b   1.000
_cell.length_c   1.000
_cell.angle_alpha   90.00
_cell.angle_beta   90.00
_cell.angle_gamma   90.00
#
_symmetry.space_group_name_H-M   'P 1'
#
_entity_poly.entity_id   1
_entity_poly.type   'polypeptide(L)'
_entity_poly.pdbx_seq_one_letter_code
;SENVQDLLLLDVTPLSLGIETAGGVMTVLIKRNTTIPTKQTQTFTTYSDNQPGVLIQVYEGERAMTKDNNLLGKFELTGI
PPAPRGVPQIEVTFDIDANGILNVSAVDKSTGKENKITITNDKGRLSKEDIERMVQEAEKYKAEDEKQRDKVSSKNSLE
;
_entity_poly.pdbx_strand_id   A
#
# COMPACT_ATOMS: atom_id res chain seq x y z
N SER A 1 -27.02 -18.62 -1.16
CA SER A 1 -27.18 -19.34 -2.46
C SER A 1 -28.63 -19.87 -2.59
N GLU A 2 -28.93 -21.13 -2.18
CA GLU A 2 -30.35 -21.64 -2.10
C GLU A 2 -31.19 -20.89 -1.01
N ASN A 3 -30.57 -20.62 0.16
CA ASN A 3 -31.13 -19.77 1.24
C ASN A 3 -31.15 -18.27 0.79
N VAL A 4 -32.34 -17.63 0.77
CA VAL A 4 -32.50 -16.23 0.25
C VAL A 4 -32.04 -15.13 1.28
N GLN A 5 -30.72 -15.04 1.49
CA GLN A 5 -30.09 -14.13 2.51
C GLN A 5 -28.58 -13.78 2.21
N ASP A 6 -28.20 -13.60 0.93
CA ASP A 6 -26.77 -13.37 0.53
C ASP A 6 -26.40 -11.86 0.60
N LEU A 7 -26.03 -11.39 1.81
CA LEU A 7 -25.74 -9.95 2.09
C LEU A 7 -24.62 -9.78 3.16
N LEU A 8 -23.76 -8.77 2.97
CA LEU A 8 -22.62 -8.49 3.90
C LEU A 8 -22.88 -7.14 4.65
N LEU A 9 -23.11 -7.18 5.97
CA LEU A 9 -23.34 -5.95 6.78
C LEU A 9 -22.01 -5.26 7.24
N LEU A 10 -21.27 -4.68 6.27
CA LEU A 10 -19.94 -4.06 6.49
C LEU A 10 -19.67 -2.97 5.41
N ASP A 11 -19.04 -1.85 5.80
CA ASP A 11 -18.59 -0.79 4.86
C ASP A 11 -17.20 -1.19 4.29
N VAL A 12 -17.16 -2.09 3.28
CA VAL A 12 -15.87 -2.62 2.75
C VAL A 12 -15.54 -2.12 1.32
N THR A 13 -14.23 -1.90 1.07
CA THR A 13 -13.71 -1.63 -0.30
C THR A 13 -13.33 -3.02 -0.91
N PRO A 14 -13.63 -3.33 -2.19
CA PRO A 14 -13.39 -4.68 -2.78
C PRO A 14 -11.91 -5.21 -2.81
N LEU A 15 -10.92 -4.32 -2.95
CA LEU A 15 -9.48 -4.71 -3.10
C LEU A 15 -8.66 -4.39 -1.81
N SER A 16 -7.47 -4.97 -1.75
CA SER A 16 -6.45 -4.69 -0.72
C SER A 16 -5.51 -3.63 -1.36
N LEU A 17 -5.53 -2.42 -0.80
CA LEU A 17 -4.83 -1.27 -1.40
C LEU A 17 -3.40 -1.17 -0.80
N GLY A 18 -2.37 -1.11 -1.65
CA GLY A 18 -0.97 -1.00 -1.20
C GLY A 18 -0.16 -0.02 -2.04
N ILE A 19 1.15 -0.26 -2.04
CA ILE A 19 2.12 0.67 -2.70
C ILE A 19 3.19 -0.03 -3.57
N GLU A 20 3.33 0.51 -4.79
CA GLU A 20 4.35 0.21 -5.83
C GLU A 20 5.59 1.09 -5.46
N THR A 21 6.73 0.41 -5.23
CA THR A 21 7.94 1.03 -4.62
C THR A 21 9.28 1.03 -5.43
N ALA A 22 10.44 0.75 -4.78
CA ALA A 22 11.82 0.87 -5.35
C ALA A 22 11.99 0.52 -6.86
N GLY A 23 11.68 -0.74 -7.20
CA GLY A 23 11.56 -1.22 -8.59
C GLY A 23 10.09 -1.57 -8.96
N GLY A 24 9.12 -0.72 -8.57
CA GLY A 24 7.67 -0.90 -8.81
C GLY A 24 6.84 -2.01 -8.12
N VAL A 25 7.23 -2.50 -6.97
CA VAL A 25 6.60 -3.68 -6.33
C VAL A 25 5.84 -3.31 -5.02
N MET A 26 4.92 -4.19 -4.65
CA MET A 26 3.95 -3.97 -3.56
C MET A 26 4.40 -4.29 -2.13
N THR A 27 3.62 -3.69 -1.26
CA THR A 27 3.52 -4.13 0.15
C THR A 27 2.03 -3.83 0.51
N VAL A 28 1.29 -4.87 0.96
CA VAL A 28 -0.11 -4.66 1.44
C VAL A 28 -0.21 -5.10 2.95
N LEU A 29 -0.41 -4.01 3.64
CA LEU A 29 -0.82 -3.80 5.05
C LEU A 29 -2.39 -3.78 5.22
N ILE A 30 -3.17 -3.57 4.12
CA ILE A 30 -4.65 -3.64 4.04
C ILE A 30 -5.06 -5.14 3.72
N LYS A 31 -6.29 -5.39 3.25
CA LYS A 31 -6.84 -6.74 2.95
C LYS A 31 -8.05 -6.71 1.95
N ARG A 32 -8.46 -7.84 1.34
CA ARG A 32 -9.59 -7.85 0.35
C ARG A 32 -10.93 -7.83 1.13
N ASN A 33 -11.91 -7.04 0.64
CA ASN A 33 -13.17 -6.77 1.41
C ASN A 33 -12.81 -6.20 2.83
N THR A 34 -12.04 -5.10 2.82
CA THR A 34 -11.49 -4.47 4.05
C THR A 34 -12.54 -3.50 4.64
N THR A 35 -12.88 -3.62 5.94
CA THR A 35 -13.78 -2.65 6.60
C THR A 35 -13.05 -1.28 6.82
N ILE A 36 -13.15 -0.50 5.73
CA ILE A 36 -12.69 0.90 5.59
C ILE A 36 -13.78 1.81 6.32
N PRO A 37 -13.55 3.00 6.94
CA PRO A 37 -12.22 3.63 7.10
C PRO A 37 -11.23 2.92 8.05
N THR A 38 -9.93 3.03 7.73
CA THR A 38 -8.86 2.29 8.45
C THR A 38 -7.49 2.98 8.36
N LYS A 39 -6.77 3.08 9.51
CA LYS A 39 -5.38 3.60 9.55
C LYS A 39 -4.38 2.45 9.86
N GLN A 40 -3.61 2.06 8.84
CA GLN A 40 -2.51 1.08 8.99
C GLN A 40 -1.12 1.77 8.83
N THR A 41 -0.08 1.15 9.43
CA THR A 41 1.29 1.73 9.48
C THR A 41 2.33 0.65 9.10
N GLN A 42 2.93 0.77 7.91
CA GLN A 42 4.03 -0.14 7.50
C GLN A 42 5.38 0.62 7.48
N THR A 43 6.34 0.23 8.34
CA THR A 43 7.65 0.91 8.43
C THR A 43 8.67 0.35 7.37
N PHE A 44 8.94 1.19 6.37
CA PHE A 44 10.00 0.96 5.36
C PHE A 44 11.30 1.65 5.85
N THR A 45 12.45 1.17 5.37
CA THR A 45 13.75 1.83 5.63
C THR A 45 14.30 2.51 4.34
N THR A 46 15.62 2.72 4.29
CA THR A 46 16.30 3.50 3.23
C THR A 46 17.57 2.74 2.65
N TYR A 47 18.06 3.16 1.46
CA TYR A 47 19.23 2.52 0.78
C TYR A 47 20.64 3.13 1.10
N SER A 48 20.88 4.43 0.86
CA SER A 48 22.20 5.07 1.13
C SER A 48 22.47 5.28 2.66
N ASP A 49 23.76 5.35 3.02
CA ASP A 49 24.18 5.70 4.40
C ASP A 49 23.87 7.21 4.69
N ASN A 50 22.98 7.39 5.66
CA ASN A 50 22.48 8.70 6.15
C ASN A 50 21.55 9.47 5.13
N GLN A 51 20.22 9.46 5.36
CA GLN A 51 19.23 10.30 4.60
C GLN A 51 18.98 10.15 3.05
N PRO A 52 18.23 9.09 2.64
CA PRO A 52 17.62 9.01 1.25
C PRO A 52 16.42 10.01 1.05
N GLY A 53 15.22 9.54 0.70
CA GLY A 53 14.03 10.39 0.36
C GLY A 53 13.16 9.57 -0.61
N VAL A 54 12.02 9.12 -0.11
CA VAL A 54 11.19 8.09 -0.77
C VAL A 54 10.11 8.60 -1.77
N LEU A 55 10.15 8.01 -2.97
CA LEU A 55 9.14 8.23 -4.03
C LEU A 55 8.09 7.08 -3.90
N ILE A 56 6.92 7.40 -3.32
CA ILE A 56 5.85 6.40 -3.01
C ILE A 56 4.88 6.43 -4.22
N GLN A 57 4.40 5.28 -4.69
CA GLN A 57 3.42 5.24 -5.83
C GLN A 57 2.25 4.30 -5.42
N VAL A 58 0.96 4.70 -5.35
CA VAL A 58 -0.08 3.77 -4.84
C VAL A 58 -0.67 2.98 -6.04
N TYR A 59 -0.76 1.67 -5.80
CA TYR A 59 -1.38 0.70 -6.71
C TYR A 59 -2.46 -0.02 -5.84
N GLU A 60 -3.71 0.01 -6.29
CA GLU A 60 -4.82 -0.74 -5.67
C GLU A 60 -4.80 -2.12 -6.41
N GLY A 61 -4.19 -3.17 -5.77
CA GLY A 61 -3.91 -4.49 -6.42
C GLY A 61 -2.43 -4.95 -6.65
N GLU A 62 -2.21 -6.23 -7.07
CA GLU A 62 -0.95 -6.84 -7.66
C GLU A 62 -0.21 -8.09 -7.04
N ARG A 63 -0.20 -9.18 -7.85
CA ARG A 63 0.55 -10.45 -7.63
C ARG A 63 2.08 -10.20 -7.60
N ALA A 64 2.88 -10.92 -6.77
CA ALA A 64 4.34 -10.60 -6.51
C ALA A 64 5.17 -10.03 -7.76
N MET A 65 4.97 -8.75 -7.60
CA MET A 65 5.10 -7.52 -8.32
C MET A 65 6.00 -7.16 -9.57
N THR A 66 5.22 -6.22 -10.20
CA THR A 66 5.22 -5.51 -11.49
C THR A 66 4.42 -6.36 -12.56
N LYS A 67 3.14 -6.62 -12.17
CA LYS A 67 2.05 -7.25 -12.95
C LYS A 67 1.40 -6.13 -13.83
N ASP A 68 0.43 -5.40 -13.21
CA ASP A 68 -0.28 -4.18 -13.68
C ASP A 68 -1.76 -4.15 -13.13
N ASN A 69 -1.87 -3.65 -11.89
CA ASN A 69 -3.14 -3.44 -11.14
C ASN A 69 -3.57 -1.94 -11.24
N ASN A 70 -4.31 -1.35 -10.28
CA ASN A 70 -4.86 0.02 -10.46
C ASN A 70 -3.97 1.12 -9.84
N LEU A 71 -3.18 1.81 -10.69
CA LEU A 71 -2.36 2.97 -10.28
C LEU A 71 -3.22 4.23 -10.06
N LEU A 72 -3.08 4.73 -8.85
CA LEU A 72 -3.63 6.03 -8.46
C LEU A 72 -2.73 6.66 -7.33
N GLY A 73 -2.49 7.95 -7.54
CA GLY A 73 -1.86 8.87 -6.56
C GLY A 73 -0.42 9.31 -6.81
N LYS A 74 0.47 8.64 -6.07
CA LYS A 74 1.94 8.90 -5.98
C LYS A 74 2.40 10.31 -5.48
N PHE A 75 3.45 10.26 -4.64
CA PHE A 75 4.08 11.45 -3.99
C PHE A 75 5.56 11.21 -3.59
N GLU A 76 6.36 12.29 -3.54
CA GLU A 76 7.76 12.22 -3.04
C GLU A 76 7.81 12.79 -1.58
N LEU A 77 8.17 11.94 -0.61
CA LEU A 77 8.39 12.37 0.80
C LEU A 77 9.91 12.45 1.07
N THR A 78 10.35 13.59 1.60
CA THR A 78 11.80 13.78 1.91
C THR A 78 12.02 14.70 3.15
N GLY A 79 13.17 14.45 3.78
CA GLY A 79 13.62 15.04 5.08
C GLY A 79 13.86 13.89 6.08
N ILE A 80 14.80 12.98 5.77
CA ILE A 80 14.99 11.72 6.53
C ILE A 80 15.95 11.85 7.77
N PRO A 81 15.73 11.12 8.92
CA PRO A 81 16.69 11.09 10.04
C PRO A 81 18.06 10.38 9.67
N PRO A 82 19.27 11.01 9.72
CA PRO A 82 20.52 10.35 9.24
C PRO A 82 21.16 9.30 10.18
N ALA A 83 20.96 8.02 9.85
CA ALA A 83 21.60 6.87 10.54
C ALA A 83 22.47 6.02 9.54
N PRO A 84 23.35 5.05 9.95
CA PRO A 84 24.27 4.38 8.98
C PRO A 84 23.74 3.15 8.15
N ARG A 85 22.96 3.42 7.07
CA ARG A 85 22.51 2.42 6.03
C ARG A 85 21.50 1.31 6.49
N GLY A 86 20.32 1.17 5.84
CA GLY A 86 19.24 0.21 6.32
C GLY A 86 18.52 0.56 7.68
N VAL A 87 19.12 1.45 8.49
CA VAL A 87 18.54 2.03 9.72
C VAL A 87 17.88 3.45 9.52
N PRO A 88 18.19 4.45 8.61
CA PRO A 88 17.33 5.67 8.40
C PRO A 88 15.94 5.18 7.86
N GLN A 89 14.81 5.65 8.39
CA GLN A 89 13.50 4.99 8.07
C GLN A 89 12.21 5.87 8.08
N ILE A 90 11.18 5.27 7.44
CA ILE A 90 9.89 5.93 7.11
C ILE A 90 8.65 5.00 7.25
N GLU A 91 7.59 5.52 7.89
CA GLU A 91 6.29 4.83 8.01
C GLU A 91 5.36 5.23 6.85
N VAL A 92 5.10 4.31 5.90
CA VAL A 92 4.11 4.56 4.82
C VAL A 92 2.73 4.20 5.45
N THR A 93 2.07 5.26 5.94
CA THR A 93 0.82 5.19 6.72
C THR A 93 -0.41 5.31 5.76
N PHE A 94 -1.40 4.44 5.93
CA PHE A 94 -2.57 4.37 5.02
C PHE A 94 -3.85 4.66 5.83
N ASP A 95 -4.34 5.90 5.75
CA ASP A 95 -5.58 6.31 6.45
C ASP A 95 -6.73 6.43 5.40
N ILE A 96 -7.50 5.34 5.23
CA ILE A 96 -8.57 5.27 4.17
C ILE A 96 -9.90 5.86 4.74
N ASP A 97 -10.60 6.67 3.94
CA ASP A 97 -11.96 7.20 4.27
C ASP A 97 -13.07 6.24 3.69
N ALA A 98 -14.27 6.29 4.29
CA ALA A 98 -15.40 5.37 3.98
C ALA A 98 -15.90 5.16 2.52
N ASN A 99 -15.69 6.10 1.57
CA ASN A 99 -15.99 5.86 0.12
C ASN A 99 -14.71 5.36 -0.68
N GLY A 100 -13.89 4.48 -0.08
CA GLY A 100 -12.56 4.03 -0.62
C GLY A 100 -11.56 5.12 -1.05
N ILE A 101 -11.36 6.15 -0.19
CA ILE A 101 -10.52 7.33 -0.53
C ILE A 101 -9.28 7.24 0.39
N LEU A 102 -8.11 7.04 -0.22
CA LEU A 102 -6.88 6.77 0.54
C LEU A 102 -6.01 8.04 0.84
N ASN A 103 -5.97 8.42 2.14
CA ASN A 103 -5.07 9.50 2.64
C ASN A 103 -3.70 8.80 2.94
N VAL A 104 -2.78 8.80 1.96
CA VAL A 104 -1.48 8.06 2.08
C VAL A 104 -0.47 9.02 2.70
N SER A 105 0.10 8.67 3.86
CA SER A 105 0.99 9.57 4.60
C SER A 105 2.36 8.91 4.89
N ALA A 106 3.44 9.33 4.21
CA ALA A 106 4.80 8.84 4.52
C ALA A 106 5.39 9.68 5.68
N VAL A 107 5.74 9.01 6.77
CA VAL A 107 6.18 9.67 8.03
C VAL A 107 7.64 9.29 8.36
N ASP A 108 8.52 10.30 8.46
CA ASP A 108 9.87 10.14 9.05
C ASP A 108 9.52 10.24 10.58
N LYS A 109 9.11 9.12 11.19
CA LYS A 109 8.52 9.09 12.57
C LYS A 109 9.47 9.41 13.75
N SER A 110 10.73 8.94 13.75
CA SER A 110 11.74 9.42 14.78
C SER A 110 11.95 10.99 14.72
N THR A 111 11.92 11.52 13.49
CA THR A 111 11.88 12.96 13.09
C THR A 111 10.45 13.64 13.22
N GLY A 112 9.36 12.86 13.48
CA GLY A 112 7.92 13.29 13.47
C GLY A 112 7.53 14.26 12.34
N LYS A 113 7.60 13.72 11.13
CA LYS A 113 7.53 14.49 9.87
C LYS A 113 6.76 13.70 8.79
N GLU A 114 5.57 14.18 8.41
CA GLU A 114 4.74 13.53 7.36
C GLU A 114 4.27 14.48 6.24
N ASN A 115 4.13 13.90 5.04
CA ASN A 115 3.46 14.59 3.90
C ASN A 115 2.42 13.55 3.37
N LYS A 116 1.21 14.04 3.02
CA LYS A 116 0.09 13.15 2.65
C LYS A 116 -0.69 13.58 1.36
N ILE A 117 -1.15 12.57 0.64
CA ILE A 117 -2.01 12.68 -0.57
C ILE A 117 -3.41 12.04 -0.26
N THR A 118 -4.51 12.73 -0.59
CA THR A 118 -5.88 12.14 -0.47
C THR A 118 -6.31 11.69 -1.90
N ILE A 119 -6.30 10.38 -2.12
CA ILE A 119 -6.57 9.77 -3.45
C ILE A 119 -8.10 9.51 -3.56
N THR A 120 -8.77 10.24 -4.46
CA THR A 120 -10.21 10.01 -4.73
C THR A 120 -10.35 8.89 -5.82
N ASN A 121 -11.15 7.85 -5.53
CA ASN A 121 -11.26 6.66 -6.42
C ASN A 121 -12.28 6.85 -7.60
N ASP A 122 -11.86 7.68 -8.56
CA ASP A 122 -12.66 8.14 -9.72
C ASP A 122 -12.26 7.51 -11.10
N LYS A 123 -10.98 7.17 -11.29
CA LYS A 123 -10.42 6.68 -12.58
C LYS A 123 -9.98 5.21 -12.47
N GLY A 124 -10.71 4.35 -13.18
CA GLY A 124 -10.48 2.89 -13.09
C GLY A 124 -11.77 2.04 -12.98
N ARG A 125 -12.47 2.16 -11.84
CA ARG A 125 -13.68 1.34 -11.49
C ARG A 125 -13.70 -0.19 -11.87
N LEU A 126 -12.63 -0.82 -11.40
CA LEU A 126 -12.33 -2.27 -11.38
C LEU A 126 -13.47 -3.30 -11.07
N SER A 127 -14.20 -3.00 -9.98
CA SER A 127 -15.36 -3.76 -9.47
C SER A 127 -15.21 -5.31 -9.52
N LYS A 128 -16.30 -5.99 -9.83
CA LYS A 128 -16.36 -7.47 -9.85
C LYS A 128 -15.29 -8.27 -10.63
N GLU A 129 -14.93 -7.79 -11.82
CA GLU A 129 -14.01 -8.50 -12.75
C GLU A 129 -12.52 -8.43 -12.35
N ASP A 130 -11.94 -7.22 -12.21
CA ASP A 130 -10.53 -7.02 -11.75
C ASP A 130 -10.29 -7.51 -10.31
N ILE A 131 -11.19 -7.29 -9.31
CA ILE A 131 -11.00 -7.90 -7.96
C ILE A 131 -11.13 -9.46 -7.98
N GLU A 132 -12.18 -10.10 -8.55
CA GLU A 132 -12.22 -11.59 -8.65
C GLU A 132 -11.01 -12.23 -9.41
N ARG A 133 -10.58 -11.68 -10.56
CA ARG A 133 -9.34 -12.13 -11.27
C ARG A 133 -7.99 -11.77 -10.56
N MET A 134 -7.76 -10.52 -10.09
CA MET A 134 -6.47 -10.07 -9.52
C MET A 134 -6.32 -10.45 -8.03
N VAL A 135 -7.18 -10.05 -7.07
CA VAL A 135 -6.88 -10.34 -5.64
C VAL A 135 -6.96 -11.83 -5.18
N GLN A 136 -7.71 -12.71 -5.82
CA GLN A 136 -7.68 -14.17 -5.46
C GLN A 136 -6.28 -14.84 -5.67
N GLU A 137 -5.55 -14.43 -6.71
CA GLU A 137 -4.13 -14.75 -6.95
C GLU A 137 -3.16 -13.63 -6.40
N ALA A 138 -3.50 -12.34 -6.27
CA ALA A 138 -2.63 -11.31 -5.69
C ALA A 138 -2.73 -11.27 -4.16
N GLU A 139 -3.41 -10.34 -3.51
CA GLU A 139 -3.36 -10.05 -2.04
C GLU A 139 -3.44 -11.27 -1.09
N LYS A 140 -4.34 -12.20 -1.42
CA LYS A 140 -4.40 -13.56 -0.82
C LYS A 140 -3.00 -14.26 -1.03
N TYR A 141 -2.65 -14.56 -2.30
CA TYR A 141 -1.38 -15.29 -2.67
C TYR A 141 -0.11 -14.37 -2.81
N LYS A 142 -0.09 -13.26 -2.08
CA LYS A 142 0.95 -12.19 -2.11
C LYS A 142 1.48 -12.08 -0.65
N ALA A 143 0.64 -11.75 0.36
CA ALA A 143 1.09 -11.97 1.78
C ALA A 143 1.38 -13.52 2.08
N GLU A 144 0.72 -14.42 1.32
CA GLU A 144 1.00 -15.90 1.21
C GLU A 144 2.25 -16.12 0.27
N ASP A 145 2.55 -15.32 -0.82
CA ASP A 145 3.95 -15.32 -1.43
C ASP A 145 5.09 -15.13 -0.32
N GLU A 146 4.67 -14.52 0.83
CA GLU A 146 5.33 -14.39 2.18
C GLU A 146 5.99 -13.04 2.33
N LYS A 147 5.06 -12.05 2.37
CA LYS A 147 5.40 -10.60 2.25
C LYS A 147 6.23 -10.47 0.91
N GLN A 148 5.47 -10.88 -0.13
CA GLN A 148 5.76 -11.09 -1.54
C GLN A 148 7.15 -10.59 -2.02
N ARG A 149 7.03 -9.31 -2.21
CA ARG A 149 8.11 -8.37 -2.51
C ARG A 149 8.38 -7.26 -1.43
N ASP A 150 8.04 -7.56 -0.18
CA ASP A 150 8.39 -6.76 1.02
C ASP A 150 9.94 -6.78 1.25
N LYS A 151 10.63 -7.94 1.09
CA LYS A 151 12.13 -8.02 1.13
C LYS A 151 12.58 -7.69 -0.32
N VAL A 152 12.90 -6.40 -0.39
CA VAL A 152 13.01 -5.63 -1.64
C VAL A 152 14.42 -5.05 -1.99
N SER A 153 14.65 -3.73 -1.87
CA SER A 153 15.94 -3.09 -2.30
C SER A 153 17.02 -3.20 -1.16
N SER A 154 16.93 -2.41 -0.07
CA SER A 154 17.79 -2.55 1.12
C SER A 154 16.85 -2.84 2.33
N LYS A 155 16.67 -4.13 2.68
CA LYS A 155 15.82 -4.59 3.82
C LYS A 155 14.30 -4.33 3.53
N ASN A 156 13.68 -3.27 4.07
CA ASN A 156 12.29 -2.88 3.71
C ASN A 156 12.33 -1.49 2.98
N SER A 157 13.19 -1.19 1.99
CA SER A 157 13.28 0.20 1.42
C SER A 157 12.59 0.39 0.06
N LEU A 158 11.82 1.49 -0.09
CA LEU A 158 11.29 1.88 -1.43
C LEU A 158 12.25 2.82 -2.27
N GLU A 159 13.54 2.58 -2.05
CA GLU A 159 14.73 3.12 -2.76
C GLU A 159 15.68 1.87 -2.70
#